data_4Y26
#
_entry.id   4Y26
#
_cell.length_a   30.098
_cell.length_b   55.404
_cell.length_c   138.804
_cell.angle_alpha   90.000
_cell.angle_beta   90.000
_cell.angle_gamma   90.000
#
_symmetry.space_group_name_H-M   'P 21 21 21'
#
loop_
_entity.id
_entity.type
_entity.pdbx_description
1 polymer Galectin-7
2 branched 'beta-D-galactopyranose-(1-3)-methyl 2-acetamido-2-deoxy-6-O-sulfo-beta-D-glucopyranoside'
3 water water
#
_entity_poly.entity_id   1
_entity_poly.type   'polypeptide(L)'
_entity_poly.pdbx_seq_one_letter_code
;MGSSHHHHHHSSGLVPRGSHMVPHKSSLPEGIRPGTVLRIRGLVPPNASRFHVNLLCGEEQGSDAALHFNPRLDTSEVVF
NSKEQGSWGREERGPGVPFQRGQPFEVLIIASDDGFKAVVGDAQYHHFRHRLPLARVRLVEVGGDVQLDSVRIF
;
_entity_poly.pdbx_strand_id   A,B
#
# COMPACT_ATOMS: atom_id res chain seq x y z
N VAL A 22 5.60 16.07 -17.30
CA VAL A 22 4.33 16.61 -16.85
C VAL A 22 3.97 16.11 -15.44
N PRO A 23 3.76 17.05 -14.50
CA PRO A 23 3.52 16.74 -13.10
C PRO A 23 2.12 16.19 -12.82
N HIS A 24 2.00 15.43 -11.74
CA HIS A 24 0.70 15.02 -11.23
C HIS A 24 0.31 15.89 -10.04
N LYS A 25 -0.81 16.59 -10.16
CA LYS A 25 -1.33 17.41 -9.07
C LYS A 25 -2.83 17.23 -8.96
N SER A 26 -3.29 16.60 -7.89
CA SER A 26 -4.69 16.24 -7.78
C SER A 26 -5.26 16.45 -6.38
N SER A 27 -6.53 16.82 -6.32
CA SER A 27 -7.21 17.05 -5.06
C SER A 27 -7.72 15.76 -4.45
N LEU A 28 -7.67 15.69 -3.12
CA LEU A 28 -8.29 14.60 -2.39
C LEU A 28 -9.51 15.14 -1.66
N PRO A 29 -10.71 14.89 -2.20
CA PRO A 29 -11.96 15.44 -1.67
C PRO A 29 -12.20 15.03 -0.23
N GLU A 30 -12.04 13.75 0.06
CA GLU A 30 -12.35 13.23 1.38
C GLU A 30 -11.08 13.13 2.24
N GLY A 31 -10.02 13.81 1.79
CA GLY A 31 -8.76 13.78 2.52
C GLY A 31 -8.16 12.39 2.56
N ILE A 32 -7.15 12.20 3.40
CA ILE A 32 -6.56 10.87 3.58
C ILE A 32 -6.74 10.37 5.01
N ARG A 33 -6.69 9.06 5.16
CA ARG A 33 -6.98 8.41 6.44
C ARG A 33 -5.92 7.37 6.76
N PRO A 34 -5.83 6.95 8.03
CA PRO A 34 -4.96 5.80 8.33
C PRO A 34 -5.35 4.59 7.49
N GLY A 35 -4.49 4.20 6.57
CA GLY A 35 -4.80 3.15 5.63
C GLY A 35 -4.77 3.64 4.20
N THR A 36 -4.65 4.96 4.04
CA THR A 36 -4.52 5.54 2.71
C THR A 36 -3.14 5.23 2.14
N VAL A 37 -3.11 4.71 0.92
CA VAL A 37 -1.85 4.36 0.28
C VAL A 37 -1.68 5.09 -1.04
N LEU A 38 -0.55 5.77 -1.19
CA LEU A 38 -0.22 6.47 -2.41
C LEU A 38 0.85 5.71 -3.18
N ARG A 39 0.51 5.23 -4.38
CA ARG A 39 1.45 4.46 -5.18
C ARG A 39 1.96 5.26 -6.38
N ILE A 40 3.27 5.49 -6.41
CA ILE A 40 3.90 6.20 -7.51
C ILE A 40 4.82 5.29 -8.29
N ARG A 41 4.41 4.92 -9.50
CA ARG A 41 5.28 4.18 -10.41
C ARG A 41 5.85 5.17 -11.43
N GLY A 42 7.17 5.19 -11.55
CA GLY A 42 7.80 6.19 -12.40
C GLY A 42 9.19 5.82 -12.89
N LEU A 43 9.85 6.83 -13.46
CA LEU A 43 11.15 6.66 -14.09
C LEU A 43 12.00 7.90 -13.83
N VAL A 44 13.17 7.71 -13.25
CA VAL A 44 14.10 8.82 -13.05
C VAL A 44 14.92 9.02 -14.31
N PRO A 45 14.72 10.15 -15.00
CA PRO A 45 15.41 10.46 -16.26
C PRO A 45 16.92 10.45 -16.13
N PRO A 46 17.64 10.17 -17.23
CA PRO A 46 19.11 10.11 -17.21
C PRO A 46 19.77 11.45 -16.86
N ASN A 47 19.05 12.54 -17.05
CA ASN A 47 19.57 13.88 -16.76
C ASN A 47 19.02 14.46 -15.46
N ALA A 48 18.23 13.67 -14.76
CA ALA A 48 17.50 14.14 -13.58
C ALA A 48 18.41 14.65 -12.46
N SER A 49 17.89 15.63 -11.71
CA SER A 49 18.59 16.13 -10.53
C SER A 49 17.81 15.75 -9.29
N ARG A 50 16.51 16.05 -9.29
CA ARG A 50 15.65 15.71 -8.16
C ARG A 50 14.18 15.84 -8.51
N PHE A 51 13.35 14.99 -7.89
CA PHE A 51 11.90 15.11 -8.02
C PHE A 51 11.27 15.06 -6.64
N HIS A 52 9.96 15.28 -6.56
CA HIS A 52 9.30 15.41 -5.26
C HIS A 52 7.92 14.79 -5.21
N VAL A 53 7.54 14.34 -4.02
CA VAL A 53 6.17 13.90 -3.74
C VAL A 53 5.63 14.68 -2.55
N ASN A 54 4.64 15.53 -2.79
CA ASN A 54 4.09 16.38 -1.75
C ASN A 54 2.65 16.03 -1.37
N LEU A 55 2.39 15.95 -0.07
CA LEU A 55 1.03 15.90 0.45
C LEU A 55 0.71 17.26 1.04
N LEU A 56 -0.15 18.01 0.34
CA LEU A 56 -0.34 19.41 0.64
C LEU A 56 -1.68 19.71 1.32
N CYS A 57 -1.73 20.81 2.05
CA CYS A 57 -2.92 21.19 2.81
C CYS A 57 -3.76 22.23 2.09
N GLY A 58 -3.27 22.70 0.94
CA GLY A 58 -3.97 23.71 0.18
C GLY A 58 -3.66 23.63 -1.30
N GLU A 59 -4.19 24.58 -2.07
CA GLU A 59 -3.99 24.59 -3.51
C GLU A 59 -2.86 25.54 -3.92
N GLU A 60 -2.42 26.38 -2.99
CA GLU A 60 -1.39 27.36 -3.29
C GLU A 60 0.00 26.75 -3.35
N GLN A 61 0.91 27.45 -4.02
CA GLN A 61 2.29 27.00 -4.14
C GLN A 61 3.00 27.11 -2.78
N GLY A 62 2.45 27.91 -1.88
CA GLY A 62 3.03 28.09 -0.56
C GLY A 62 2.21 27.44 0.54
N SER A 63 1.31 26.54 0.16
CA SER A 63 0.48 25.82 1.11
C SER A 63 1.31 24.97 2.06
N ASP A 64 0.74 24.64 3.22
CA ASP A 64 1.41 23.76 4.16
C ASP A 64 1.59 22.37 3.57
N ALA A 65 2.72 21.76 3.88
CA ALA A 65 3.01 20.40 3.43
C ALA A 65 3.11 19.46 4.61
N ALA A 66 2.19 18.50 4.69
CA ALA A 66 2.24 17.48 5.73
C ALA A 66 3.40 16.53 5.47
N LEU A 67 3.75 16.39 4.20
CA LEU A 67 4.85 15.53 3.80
C LEU A 67 5.53 16.02 2.52
N HIS A 68 6.85 16.14 2.57
CA HIS A 68 7.65 16.48 1.41
C HIS A 68 8.70 15.41 1.18
N PHE A 69 8.48 14.57 0.17
CA PHE A 69 9.39 13.46 -0.12
C PHE A 69 10.26 13.80 -1.33
N ASN A 70 11.54 14.09 -1.09
CA ASN A 70 12.40 14.66 -2.12
C ASN A 70 13.69 13.89 -2.38
N PRO A 71 13.63 12.91 -3.30
CA PRO A 71 14.84 12.23 -3.79
C PRO A 71 15.74 13.19 -4.56
N ARG A 72 17.00 13.29 -4.17
CA ARG A 72 17.94 14.20 -4.82
C ARG A 72 19.10 13.44 -5.44
N LEU A 73 19.09 13.32 -6.76
CA LEU A 73 20.16 12.61 -7.47
C LEU A 73 21.41 13.48 -7.57
N ASP A 74 21.23 14.80 -7.54
CA ASP A 74 22.35 15.73 -7.66
C ASP A 74 23.23 15.75 -6.42
N THR A 75 22.62 15.50 -5.26
CA THR A 75 23.37 15.49 -4.01
C THR A 75 23.42 14.09 -3.38
N SER A 76 22.77 13.14 -4.05
CA SER A 76 22.67 11.77 -3.55
C SER A 76 22.10 11.72 -2.14
N GLU A 77 20.93 12.34 -1.98
CA GLU A 77 20.19 12.33 -0.72
C GLU A 77 18.70 12.15 -0.98
N VAL A 78 17.97 11.75 0.05
CA VAL A 78 16.51 11.76 0.01
C VAL A 78 16.01 12.51 1.24
N VAL A 79 15.48 13.71 1.02
CA VAL A 79 15.10 14.58 2.11
C VAL A 79 13.61 14.51 2.42
N PHE A 80 13.28 14.21 3.67
CA PHE A 80 11.92 14.27 4.16
C PHE A 80 11.73 15.57 4.91
N ASN A 81 10.58 16.21 4.73
CA ASN A 81 10.29 17.44 5.47
C ASN A 81 8.82 17.80 5.49
N SER A 82 8.50 18.79 6.31
CA SER A 82 7.17 19.38 6.35
C SER A 82 7.28 20.87 6.07
N LYS A 83 6.15 21.52 5.85
CA LYS A 83 6.14 22.95 5.59
C LYS A 83 4.98 23.62 6.30
N GLU A 84 5.28 24.60 7.16
CA GLU A 84 4.25 25.30 7.90
C GLU A 84 4.51 26.80 7.93
N GLN A 85 3.48 27.58 7.65
CA GLN A 85 3.56 29.04 7.63
C GLN A 85 4.66 29.57 6.72
N GLY A 86 4.96 28.82 5.66
CA GLY A 86 5.90 29.28 4.65
C GLY A 86 7.33 28.80 4.87
N SER A 87 7.57 28.12 5.98
CA SER A 87 8.92 27.66 6.31
C SER A 87 9.03 26.14 6.27
N TRP A 88 10.07 25.64 5.63
CA TRP A 88 10.39 24.22 5.71
C TRP A 88 10.77 23.88 7.14
N GLY A 89 10.29 22.74 7.62
CA GLY A 89 10.55 22.34 8.99
C GLY A 89 11.92 21.71 9.16
N ARG A 90 12.00 20.74 10.06
CA ARG A 90 13.24 20.05 10.35
C ARG A 90 13.46 18.89 9.39
N GLU A 91 14.57 18.95 8.64
CA GLU A 91 14.83 17.95 7.61
C GLU A 91 15.20 16.59 8.18
N GLU A 92 14.53 15.54 7.68
CA GLU A 92 14.93 14.17 7.93
C GLU A 92 15.49 13.58 6.66
N ARG A 93 16.40 12.62 6.78
CA ARG A 93 17.01 12.01 5.62
C ARG A 93 16.92 10.49 5.66
N GLY A 94 16.69 9.89 4.48
CA GLY A 94 16.56 8.45 4.37
C GLY A 94 17.90 7.76 4.21
N PRO A 95 17.92 6.45 4.50
CA PRO A 95 19.14 5.64 4.37
C PRO A 95 19.50 5.33 2.92
N GLY A 96 20.57 5.95 2.43
CA GLY A 96 21.00 5.75 1.06
C GLY A 96 20.03 6.31 0.05
N VAL A 97 20.32 6.10 -1.22
CA VAL A 97 19.44 6.58 -2.29
C VAL A 97 18.97 5.44 -3.17
N PRO A 98 17.76 4.93 -2.90
CA PRO A 98 17.18 3.81 -3.65
C PRO A 98 16.67 4.22 -5.03
N PHE A 99 17.28 5.26 -5.58
CA PHE A 99 16.92 5.76 -6.91
C PHE A 99 18.17 5.90 -7.76
N GLN A 100 17.99 5.92 -9.07
CA GLN A 100 19.11 5.93 -9.99
C GLN A 100 18.70 6.54 -11.34
N ARG A 101 19.56 7.39 -11.88
CA ARG A 101 19.31 8.03 -13.17
C ARG A 101 19.12 6.99 -14.27
N GLY A 102 17.96 7.02 -14.91
CA GLY A 102 17.67 6.10 -16.01
C GLY A 102 17.00 4.83 -15.58
N GLN A 103 16.65 4.74 -14.30
CA GLN A 103 16.07 3.51 -13.75
C GLN A 103 14.66 3.74 -13.21
N PRO A 104 13.78 2.75 -13.43
CA PRO A 104 12.40 2.82 -12.93
C PRO A 104 12.31 2.59 -11.42
N PHE A 105 11.24 3.09 -10.82
CA PHE A 105 11.02 2.91 -9.39
C PHE A 105 9.54 2.69 -9.09
N GLU A 106 9.26 2.09 -7.94
CA GLU A 106 7.90 2.05 -7.41
C GLU A 106 7.93 2.53 -5.96
N VAL A 107 7.13 3.54 -5.66
CA VAL A 107 7.09 4.11 -4.32
C VAL A 107 5.71 4.01 -3.69
N LEU A 108 5.67 3.44 -2.50
CA LEU A 108 4.47 3.45 -1.68
C LEU A 108 4.63 4.45 -0.55
N ILE A 109 3.70 5.38 -0.45
CA ILE A 109 3.62 6.25 0.72
C ILE A 109 2.37 5.89 1.49
N ILE A 110 2.57 5.36 2.69
CA ILE A 110 1.47 4.81 3.48
C ILE A 110 1.18 5.66 4.71
N ALA A 111 -0.04 6.18 4.76
CA ALA A 111 -0.48 6.96 5.92
C ALA A 111 -0.96 6.02 7.03
N SER A 112 -0.15 5.89 8.07
CA SER A 112 -0.59 5.20 9.28
C SER A 112 -1.11 6.23 10.27
N ASP A 113 -1.44 5.79 11.48
CA ASP A 113 -1.95 6.70 12.49
C ASP A 113 -0.80 7.39 13.22
N ASP A 114 0.42 6.91 12.99
CA ASP A 114 1.61 7.49 13.61
C ASP A 114 2.35 8.42 12.67
N GLY A 115 2.37 8.07 11.38
CA GLY A 115 3.08 8.86 10.40
C GLY A 115 2.98 8.32 8.99
N PHE A 116 3.92 8.71 8.14
CA PHE A 116 3.96 8.22 6.77
C PHE A 116 5.09 7.22 6.59
N LYS A 117 4.78 6.05 6.05
CA LYS A 117 5.79 5.07 5.71
C LYS A 117 6.10 5.15 4.22
N ALA A 118 7.38 5.33 3.91
CA ALA A 118 7.83 5.36 2.53
C ALA A 118 8.40 4.00 2.15
N VAL A 119 7.76 3.35 1.18
CA VAL A 119 8.27 2.07 0.68
C VAL A 119 8.81 2.24 -0.73
N VAL A 120 10.10 1.97 -0.89
CA VAL A 120 10.73 1.99 -2.20
C VAL A 120 11.23 0.59 -2.52
N GLY A 121 10.98 0.13 -3.75
CA GLY A 121 11.36 -1.22 -4.13
C GLY A 121 10.60 -2.25 -3.32
N ASP A 122 11.33 -3.15 -2.67
CA ASP A 122 10.73 -4.22 -1.89
C ASP A 122 10.98 -4.08 -0.40
N ALA A 123 11.29 -2.86 0.05
CA ALA A 123 11.67 -2.67 1.45
C ALA A 123 11.08 -1.39 2.04
N GLN A 124 10.91 -1.39 3.37
CA GLN A 124 10.55 -0.19 4.09
C GLN A 124 11.76 0.75 4.09
N TYR A 125 11.56 1.98 3.65
CA TYR A 125 12.66 2.90 3.45
C TYR A 125 12.85 3.86 4.62
N HIS A 126 11.76 4.44 5.10
CA HIS A 126 11.84 5.46 6.14
C HIS A 126 10.47 5.72 6.77
N HIS A 127 10.46 6.11 8.03
CA HIS A 127 9.21 6.47 8.71
C HIS A 127 9.24 7.94 9.08
N PHE A 128 8.23 8.67 8.59
CA PHE A 128 8.13 10.10 8.85
C PHE A 128 6.92 10.39 9.74
N ARG A 129 7.19 10.78 10.97
CA ARG A 129 6.12 11.01 11.95
C ARG A 129 5.30 12.25 11.59
N HIS A 130 4.01 12.19 11.90
CA HIS A 130 3.09 13.30 11.64
C HIS A 130 3.51 14.57 12.35
N ARG A 131 3.58 15.66 11.60
CA ARG A 131 3.82 16.97 12.19
C ARG A 131 2.56 17.81 12.03
N LEU A 132 1.82 17.52 10.97
CA LEU A 132 0.51 18.10 10.75
C LEU A 132 -0.55 17.01 10.85
N PRO A 133 -1.77 17.39 11.25
CA PRO A 133 -2.89 16.42 11.32
C PRO A 133 -3.22 15.87 9.94
N LEU A 134 -3.51 14.57 9.85
CA LEU A 134 -3.88 13.95 8.59
C LEU A 134 -5.10 14.61 7.96
N ALA A 135 -5.97 15.14 8.81
CA ALA A 135 -7.22 15.75 8.37
C ALA A 135 -6.99 16.96 7.46
N ARG A 136 -5.82 17.59 7.54
CA ARG A 136 -5.55 18.80 6.78
C ARG A 136 -5.05 18.52 5.36
N VAL A 137 -4.62 17.29 5.10
CA VAL A 137 -4.13 16.93 3.78
C VAL A 137 -5.27 16.90 2.76
N ARG A 138 -5.17 17.73 1.73
CA ARG A 138 -6.22 17.83 0.73
C ARG A 138 -5.72 17.56 -0.69
N LEU A 139 -4.42 17.43 -0.86
CA LEU A 139 -3.84 17.45 -2.20
C LEU A 139 -2.56 16.65 -2.34
N VAL A 140 -2.42 15.95 -3.48
CA VAL A 140 -1.22 15.21 -3.81
C VAL A 140 -0.49 15.86 -4.97
N GLU A 141 0.84 15.98 -4.87
CA GLU A 141 1.63 16.53 -5.95
C GLU A 141 2.89 15.70 -6.22
N VAL A 142 3.05 15.29 -7.47
CA VAL A 142 4.25 14.61 -7.91
C VAL A 142 4.85 15.34 -9.11
N GLY A 143 6.03 15.90 -8.94
CA GLY A 143 6.67 16.67 -10.00
C GLY A 143 8.17 16.62 -9.92
N GLY A 144 8.82 17.54 -10.63
CA GLY A 144 10.28 17.60 -10.66
C GLY A 144 10.84 16.78 -11.80
N ASP A 145 12.11 16.42 -11.69
CA ASP A 145 12.75 15.62 -12.74
C ASP A 145 12.30 14.17 -12.66
N VAL A 146 11.09 13.90 -13.15
CA VAL A 146 10.53 12.56 -13.10
C VAL A 146 9.57 12.31 -14.26
N GLN A 147 9.57 11.08 -14.77
CA GLN A 147 8.59 10.66 -15.76
C GLN A 147 7.65 9.65 -15.12
N LEU A 148 6.35 9.90 -15.25
CA LEU A 148 5.37 9.12 -14.50
C LEU A 148 4.69 8.05 -15.33
N ASP A 149 4.57 6.87 -14.75
CA ASP A 149 3.77 5.79 -15.32
C ASP A 149 2.34 5.87 -14.77
N SER A 150 2.24 6.05 -13.47
CA SER A 150 0.95 6.18 -12.80
C SER A 150 1.08 6.69 -11.36
N VAL A 151 0.07 7.42 -10.91
CA VAL A 151 -0.03 7.83 -9.51
C VAL A 151 -1.41 7.44 -8.98
N ARG A 152 -1.44 6.57 -7.98
CA ARG A 152 -2.71 6.05 -7.47
C ARG A 152 -2.96 6.41 -6.01
N ILE A 153 -4.22 6.69 -5.69
CA ILE A 153 -4.65 6.89 -4.32
C ILE A 153 -5.55 5.75 -3.89
N PHE A 154 -5.06 4.90 -2.98
CA PHE A 154 -5.84 3.76 -2.52
C PHE A 154 -6.36 4.00 -1.11
N VAL B 22 4.62 -20.98 -0.95
CA VAL B 22 3.29 -21.50 -0.68
C VAL B 22 3.38 -22.91 -0.10
N PRO B 23 2.67 -23.16 1.03
CA PRO B 23 1.81 -22.22 1.75
C PRO B 23 2.57 -21.26 2.66
N HIS B 24 2.73 -20.02 2.21
CA HIS B 24 3.37 -18.97 3.00
C HIS B 24 2.62 -18.72 4.30
N LYS B 25 3.29 -18.95 5.43
CA LYS B 25 2.71 -18.66 6.74
C LYS B 25 3.65 -17.75 7.53
N SER B 26 3.24 -16.50 7.71
CA SER B 26 4.07 -15.53 8.39
C SER B 26 3.37 -14.92 9.60
N SER B 27 4.11 -14.84 10.71
CA SER B 27 3.58 -14.23 11.92
C SER B 27 3.72 -12.72 11.87
N LEU B 28 2.80 -12.04 12.53
CA LEU B 28 2.87 -10.60 12.68
C LEU B 28 2.99 -10.26 14.16
N PRO B 29 4.24 -10.29 14.68
CA PRO B 29 4.51 -10.09 16.10
C PRO B 29 3.84 -8.84 16.65
N GLU B 30 4.10 -7.68 16.07
CA GLU B 30 3.53 -6.44 16.60
C GLU B 30 2.05 -6.29 16.21
N GLY B 31 1.47 -7.35 15.68
CA GLY B 31 0.11 -7.28 15.16
C GLY B 31 0.08 -6.34 13.98
N ILE B 32 -1.09 -5.80 13.66
CA ILE B 32 -1.21 -4.80 12.61
C ILE B 32 -2.19 -3.68 13.00
N ARG B 33 -1.78 -2.45 12.73
CA ARG B 33 -2.60 -1.27 12.98
C ARG B 33 -3.00 -0.63 11.65
N PRO B 34 -4.00 0.26 11.67
CA PRO B 34 -4.34 1.02 10.46
C PRO B 34 -3.11 1.68 9.83
N GLY B 35 -2.88 1.37 8.55
CA GLY B 35 -1.70 1.85 7.87
C GLY B 35 -0.74 0.72 7.56
N THR B 36 -1.26 -0.50 7.59
CA THR B 36 -0.45 -1.68 7.27
C THR B 36 -0.79 -2.19 5.88
N VAL B 37 0.24 -2.52 5.10
CA VAL B 37 0.04 -3.00 3.74
C VAL B 37 0.65 -4.39 3.54
N LEU B 38 -0.17 -5.30 3.02
CA LEU B 38 0.29 -6.63 2.66
C LEU B 38 0.36 -6.75 1.15
N ARG B 39 1.56 -6.83 0.61
CA ARG B 39 1.74 -6.92 -0.84
C ARG B 39 2.11 -8.33 -1.27
N ILE B 40 1.24 -8.92 -2.10
CA ILE B 40 1.47 -10.27 -2.59
C ILE B 40 1.65 -10.29 -4.09
N ARG B 41 2.82 -10.76 -4.54
CA ARG B 41 3.11 -10.88 -5.96
C ARG B 41 3.36 -12.33 -6.32
N GLY B 42 2.81 -12.75 -7.46
CA GLY B 42 2.97 -14.12 -7.89
C GLY B 42 2.40 -14.36 -9.27
N LEU B 43 2.16 -15.63 -9.58
CA LEU B 43 1.60 -16.01 -10.87
C LEU B 43 0.43 -16.95 -10.67
N VAL B 44 -0.63 -16.73 -11.45
CA VAL B 44 -1.76 -17.65 -11.45
C VAL B 44 -1.51 -18.75 -12.48
N PRO B 45 -1.42 -20.01 -12.02
CA PRO B 45 -1.13 -21.19 -12.85
C PRO B 45 -2.10 -21.35 -14.02
N PRO B 46 -1.66 -22.03 -15.09
CA PRO B 46 -2.47 -22.24 -16.31
C PRO B 46 -3.85 -22.82 -16.05
N ASN B 47 -3.92 -23.83 -15.18
CA ASN B 47 -5.20 -24.45 -14.85
C ASN B 47 -5.55 -24.31 -13.37
N ALA B 48 -5.26 -23.14 -12.81
CA ALA B 48 -5.61 -22.85 -11.43
C ALA B 48 -7.13 -22.84 -11.24
N SER B 49 -7.58 -23.30 -10.08
CA SER B 49 -9.00 -23.29 -9.77
C SER B 49 -9.31 -22.22 -8.75
N ARG B 50 -8.52 -22.18 -7.67
CA ARG B 50 -8.67 -21.16 -6.65
C ARG B 50 -7.46 -21.10 -5.72
N PHE B 51 -7.26 -19.95 -5.11
CA PHE B 51 -6.23 -19.77 -4.09
C PHE B 51 -6.75 -18.81 -3.03
N HIS B 52 -6.03 -18.68 -1.91
CA HIS B 52 -6.55 -17.90 -0.80
C HIS B 52 -5.48 -17.12 -0.05
N VAL B 53 -5.89 -16.01 0.54
CA VAL B 53 -5.07 -15.25 1.47
C VAL B 53 -5.84 -15.09 2.77
N ASN B 54 -5.26 -15.55 3.87
CA ASN B 54 -5.95 -15.51 5.16
C ASN B 54 -5.20 -14.71 6.21
N LEU B 55 -5.93 -13.85 6.91
CA LEU B 55 -5.40 -13.18 8.09
C LEU B 55 -6.01 -13.81 9.33
N LEU B 56 -5.22 -14.61 10.04
CA LEU B 56 -5.73 -15.40 11.14
C LEU B 56 -5.47 -14.74 12.49
N CYS B 57 -6.36 -14.99 13.45
CA CYS B 57 -6.24 -14.39 14.77
C CYS B 57 -5.48 -15.29 15.74
N GLY B 58 -4.69 -16.20 15.18
CA GLY B 58 -3.86 -17.08 15.97
C GLY B 58 -2.67 -17.56 15.17
N GLU B 59 -1.82 -18.37 15.79
CA GLU B 59 -0.61 -18.84 15.13
C GLU B 59 -0.82 -20.16 14.40
N GLU B 60 -2.00 -20.77 14.59
CA GLU B 60 -2.32 -22.03 13.93
C GLU B 60 -3.36 -21.82 12.83
N GLN B 61 -3.48 -22.79 11.95
CA GLN B 61 -4.35 -22.65 10.79
C GLN B 61 -5.83 -22.77 11.14
N GLY B 62 -6.12 -23.40 12.28
CA GLY B 62 -7.48 -23.55 12.73
C GLY B 62 -7.99 -22.31 13.45
N SER B 63 -7.17 -21.27 13.49
CA SER B 63 -7.53 -20.02 14.14
C SER B 63 -8.66 -19.31 13.40
N ASP B 64 -9.29 -18.36 14.07
CA ASP B 64 -10.32 -17.53 13.43
C ASP B 64 -9.70 -16.68 12.32
N ALA B 65 -10.49 -16.44 11.28
CA ALA B 65 -10.01 -15.63 10.16
C ALA B 65 -10.67 -14.25 10.16
N ALA B 66 -9.87 -13.21 10.35
CA ALA B 66 -10.38 -11.85 10.25
C ALA B 66 -10.73 -11.54 8.80
N LEU B 67 -10.00 -12.18 7.89
CA LEU B 67 -10.21 -12.00 6.46
C LEU B 67 -9.88 -13.27 5.67
N HIS B 68 -10.80 -13.68 4.80
CA HIS B 68 -10.57 -14.78 3.88
C HIS B 68 -10.69 -14.28 2.46
N PHE B 69 -9.56 -13.99 1.84
CA PHE B 69 -9.53 -13.51 0.46
C PHE B 69 -9.36 -14.69 -0.48
N ASN B 70 -10.43 -15.03 -1.20
CA ASN B 70 -10.45 -16.27 -1.97
C ASN B 70 -10.90 -16.11 -3.43
N PRO B 71 -9.94 -15.80 -4.32
CA PRO B 71 -10.21 -15.80 -5.76
C PRO B 71 -10.52 -17.21 -6.28
N ARG B 72 -11.63 -17.34 -6.99
CA ARG B 72 -12.04 -18.62 -7.54
C ARG B 72 -12.09 -18.55 -9.06
N LEU B 73 -11.03 -19.07 -9.70
CA LEU B 73 -10.89 -18.99 -11.15
C LEU B 73 -11.87 -19.92 -11.86
N ASP B 74 -12.32 -20.96 -11.17
CA ASP B 74 -13.21 -21.94 -11.78
C ASP B 74 -14.66 -21.43 -11.83
N THR B 75 -15.14 -20.90 -10.72
CA THR B 75 -16.51 -20.39 -10.65
C THR B 75 -16.56 -18.90 -10.98
N SER B 76 -15.41 -18.35 -11.36
CA SER B 76 -15.29 -16.96 -11.79
C SER B 76 -15.82 -15.96 -10.77
N GLU B 77 -15.20 -15.94 -9.59
CA GLU B 77 -15.56 -14.99 -8.55
C GLU B 77 -14.46 -14.87 -7.50
N VAL B 78 -14.47 -13.76 -6.76
CA VAL B 78 -13.57 -13.59 -5.63
C VAL B 78 -14.41 -13.43 -4.36
N VAL B 79 -14.31 -14.39 -3.46
CA VAL B 79 -15.14 -14.42 -2.27
C VAL B 79 -14.41 -13.87 -1.05
N PHE B 80 -15.05 -12.94 -0.36
CA PHE B 80 -14.54 -12.41 0.90
C PHE B 80 -15.37 -12.96 2.06
N ASN B 81 -14.71 -13.35 3.14
CA ASN B 81 -15.43 -13.79 4.33
C ASN B 81 -14.54 -13.85 5.57
N SER B 82 -15.17 -14.09 6.72
CA SER B 82 -14.46 -14.30 7.97
C SER B 82 -14.84 -15.66 8.55
N LYS B 83 -14.02 -16.18 9.45
CA LYS B 83 -14.33 -17.44 10.11
C LYS B 83 -14.29 -17.26 11.63
N GLU B 84 -15.38 -17.63 12.30
CA GLU B 84 -15.50 -17.42 13.74
C GLU B 84 -16.09 -18.66 14.42
N GLN B 85 -15.38 -19.16 15.42
CA GLN B 85 -15.77 -20.39 16.14
C GLN B 85 -15.89 -21.58 15.21
N GLY B 86 -15.16 -21.55 14.09
CA GLY B 86 -15.10 -22.67 13.18
C GLY B 86 -16.05 -22.60 12.00
N SER B 87 -16.89 -21.57 11.95
CA SER B 87 -17.87 -21.44 10.88
C SER B 87 -17.77 -20.09 10.16
N TRP B 88 -17.93 -20.12 8.84
CA TRP B 88 -17.82 -18.93 8.01
C TRP B 88 -18.92 -17.92 8.29
N GLY B 89 -18.61 -16.65 8.10
CA GLY B 89 -19.59 -15.58 8.24
C GLY B 89 -20.37 -15.42 6.95
N ARG B 90 -20.81 -14.19 6.68
CA ARG B 90 -21.59 -13.93 5.48
C ARG B 90 -20.65 -13.60 4.31
N GLU B 91 -20.85 -14.28 3.19
CA GLU B 91 -19.97 -14.14 2.04
C GLU B 91 -20.15 -12.83 1.29
N GLU B 92 -19.03 -12.20 0.97
CA GLU B 92 -19.02 -11.03 0.09
C GLU B 92 -18.27 -11.38 -1.19
N ARG B 93 -18.70 -10.78 -2.30
CA ARG B 93 -18.06 -11.04 -3.58
C ARG B 93 -17.57 -9.75 -4.23
N GLY B 94 -16.35 -9.79 -4.77
CA GLY B 94 -15.80 -8.64 -5.46
C GLY B 94 -16.38 -8.54 -6.86
N PRO B 95 -16.22 -7.37 -7.50
CA PRO B 95 -16.70 -7.15 -8.87
C PRO B 95 -15.88 -7.91 -9.90
N GLY B 96 -16.44 -9.02 -10.39
CA GLY B 96 -15.78 -9.83 -11.39
C GLY B 96 -14.48 -10.46 -10.89
N VAL B 97 -13.66 -10.93 -11.83
CA VAL B 97 -12.38 -11.55 -11.48
C VAL B 97 -11.23 -10.77 -12.11
N PRO B 98 -10.45 -10.07 -11.28
CA PRO B 98 -9.29 -9.32 -11.76
C PRO B 98 -8.05 -10.19 -11.90
N PHE B 99 -8.26 -11.50 -11.99
CA PHE B 99 -7.16 -12.44 -12.18
C PHE B 99 -7.33 -13.25 -13.47
N GLN B 100 -6.22 -13.47 -14.16
CA GLN B 100 -6.23 -14.28 -15.37
C GLN B 100 -5.25 -15.44 -15.24
N ARG B 101 -5.71 -16.64 -15.55
CA ARG B 101 -4.86 -17.82 -15.52
C ARG B 101 -3.64 -17.64 -16.42
N GLY B 102 -2.47 -18.07 -15.94
CA GLY B 102 -1.26 -17.98 -16.73
C GLY B 102 -0.62 -16.61 -16.71
N GLN B 103 -1.20 -15.69 -15.95
CA GLN B 103 -0.70 -14.33 -15.87
C GLN B 103 -0.21 -13.99 -14.46
N PRO B 104 0.80 -13.12 -14.37
CA PRO B 104 1.28 -12.64 -13.06
C PRO B 104 0.33 -11.62 -12.44
N PHE B 105 0.26 -11.59 -11.12
CA PHE B 105 -0.65 -10.67 -10.43
C PHE B 105 0.07 -9.90 -9.32
N GLU B 106 -0.51 -8.79 -8.91
CA GLU B 106 -0.09 -8.11 -7.69
C GLU B 106 -1.31 -7.74 -6.87
N VAL B 107 -1.30 -8.10 -5.60
CA VAL B 107 -2.42 -7.82 -4.71
C VAL B 107 -1.97 -7.02 -3.51
N LEU B 108 -2.63 -5.89 -3.27
CA LEU B 108 -2.44 -5.14 -2.04
C LEU B 108 -3.61 -5.42 -1.11
N ILE B 109 -3.29 -5.80 0.12
CA ILE B 109 -4.30 -5.88 1.17
C ILE B 109 -3.96 -4.83 2.22
N ILE B 110 -4.78 -3.79 2.29
CA ILE B 110 -4.48 -2.64 3.13
C ILE B 110 -5.42 -2.56 4.32
N ALA B 111 -4.85 -2.48 5.52
CA ALA B 111 -5.65 -2.35 6.73
C ALA B 111 -5.86 -0.90 7.09
N SER B 112 -7.12 -0.52 7.30
CA SER B 112 -7.46 0.84 7.71
C SER B 112 -8.35 0.79 8.95
N ASP B 113 -8.90 1.95 9.32
CA ASP B 113 -9.82 2.03 10.46
C ASP B 113 -11.11 1.28 10.15
N ASP B 114 -11.58 1.41 8.90
CA ASP B 114 -12.84 0.81 8.47
C ASP B 114 -12.75 -0.70 8.29
N GLY B 115 -11.71 -1.15 7.58
CA GLY B 115 -11.55 -2.56 7.31
C GLY B 115 -10.34 -2.85 6.43
N PHE B 116 -10.51 -3.81 5.53
CA PHE B 116 -9.44 -4.17 4.60
C PHE B 116 -9.78 -3.73 3.18
N LYS B 117 -8.82 -3.06 2.56
CA LYS B 117 -8.96 -2.62 1.18
C LYS B 117 -8.14 -3.49 0.25
N ALA B 118 -8.83 -4.19 -0.65
CA ALA B 118 -8.17 -5.07 -1.60
C ALA B 118 -7.86 -4.34 -2.91
N VAL B 119 -6.58 -4.32 -3.26
CA VAL B 119 -6.16 -3.71 -4.52
C VAL B 119 -5.47 -4.72 -5.42
N VAL B 120 -6.09 -5.03 -6.55
CA VAL B 120 -5.51 -5.92 -7.53
C VAL B 120 -5.12 -5.13 -8.77
N GLY B 121 -3.85 -5.21 -9.16
CA GLY B 121 -3.35 -4.47 -10.31
C GLY B 121 -3.34 -2.97 -10.05
N ASP B 122 -4.09 -2.23 -10.86
CA ASP B 122 -4.15 -0.77 -10.74
C ASP B 122 -5.45 -0.28 -10.14
N ALA B 123 -6.36 -1.21 -9.84
CA ALA B 123 -7.70 -0.84 -9.42
C ALA B 123 -8.00 -1.22 -7.97
N GLN B 124 -8.61 -0.29 -7.22
CA GLN B 124 -9.17 -0.61 -5.92
C GLN B 124 -10.31 -1.57 -6.14
N TYR B 125 -10.14 -2.80 -5.67
CA TYR B 125 -11.03 -3.89 -6.04
C TYR B 125 -12.24 -4.03 -5.10
N HIS B 126 -12.01 -4.00 -3.80
CA HIS B 126 -13.08 -4.26 -2.84
C HIS B 126 -12.74 -3.78 -1.43
N HIS B 127 -13.73 -3.23 -0.73
CA HIS B 127 -13.56 -2.87 0.66
C HIS B 127 -14.28 -3.88 1.56
N PHE B 128 -13.51 -4.51 2.45
CA PHE B 128 -14.06 -5.49 3.37
C PHE B 128 -14.02 -4.94 4.78
N ARG B 129 -15.17 -4.48 5.27
CA ARG B 129 -15.25 -3.87 6.60
C ARG B 129 -14.97 -4.89 7.70
N HIS B 130 -14.26 -4.45 8.74
CA HIS B 130 -13.85 -5.32 9.83
C HIS B 130 -15.03 -6.06 10.47
N ARG B 131 -14.81 -7.33 10.78
CA ARG B 131 -15.78 -8.12 11.53
C ARG B 131 -15.15 -8.53 12.85
N LEU B 132 -13.96 -9.12 12.78
CA LEU B 132 -13.12 -9.36 13.95
C LEU B 132 -12.20 -8.16 14.15
N PRO B 133 -11.82 -7.88 15.40
CA PRO B 133 -10.93 -6.74 15.67
C PRO B 133 -9.61 -6.87 14.92
N LEU B 134 -9.18 -5.78 14.28
CA LEU B 134 -7.92 -5.76 13.55
C LEU B 134 -6.75 -6.15 14.45
N ALA B 135 -6.90 -5.89 15.74
CA ALA B 135 -5.83 -6.13 16.71
C ALA B 135 -5.65 -7.61 17.05
N ARG B 136 -6.56 -8.45 16.57
CA ARG B 136 -6.50 -9.88 16.84
C ARG B 136 -5.61 -10.60 15.83
N VAL B 137 -5.40 -9.99 14.66
CA VAL B 137 -4.62 -10.61 13.59
C VAL B 137 -3.17 -10.85 14.02
N ARG B 138 -2.69 -12.07 13.79
CA ARG B 138 -1.33 -12.43 14.20
C ARG B 138 -0.59 -13.25 13.15
N LEU B 139 -1.29 -13.66 12.09
CA LEU B 139 -0.69 -14.53 11.08
C LEU B 139 -1.23 -14.28 9.67
N VAL B 140 -0.33 -14.29 8.69
CA VAL B 140 -0.69 -14.20 7.29
C VAL B 140 -0.47 -15.56 6.61
N GLU B 141 -1.51 -16.06 5.96
CA GLU B 141 -1.41 -17.34 5.26
C GLU B 141 -1.84 -17.23 3.79
N VAL B 142 -0.94 -17.58 2.89
CA VAL B 142 -1.24 -17.61 1.46
C VAL B 142 -1.10 -19.04 0.94
N GLY B 143 -2.12 -19.51 0.21
CA GLY B 143 -2.08 -20.87 -0.29
C GLY B 143 -3.06 -21.13 -1.43
N GLY B 144 -3.08 -22.37 -1.90
CA GLY B 144 -3.96 -22.77 -2.99
C GLY B 144 -3.24 -22.84 -4.32
N ASP B 145 -4.00 -22.83 -5.40
CA ASP B 145 -3.42 -22.85 -6.75
C ASP B 145 -2.80 -21.51 -7.10
N VAL B 146 -1.57 -21.29 -6.63
CA VAL B 146 -0.88 -20.03 -6.87
C VAL B 146 0.62 -20.19 -6.72
N GLN B 147 1.37 -19.60 -7.65
CA GLN B 147 2.82 -19.55 -7.54
C GLN B 147 3.27 -18.20 -7.00
N LEU B 148 3.71 -18.17 -5.76
CA LEU B 148 4.13 -16.93 -5.11
C LEU B 148 5.52 -16.51 -5.55
N ASP B 149 5.71 -15.20 -5.70
CA ASP B 149 7.03 -14.65 -5.97
C ASP B 149 7.46 -13.74 -4.83
N SER B 150 6.48 -13.09 -4.20
CA SER B 150 6.75 -12.14 -3.13
C SER B 150 5.58 -12.00 -2.17
N VAL B 151 5.87 -12.06 -0.88
CA VAL B 151 4.89 -11.74 0.15
C VAL B 151 5.54 -10.83 1.19
N ARG B 152 5.05 -9.61 1.30
CA ARG B 152 5.66 -8.66 2.22
C ARG B 152 4.66 -7.79 2.97
N ILE B 153 5.03 -7.40 4.18
CA ILE B 153 4.19 -6.60 5.05
C ILE B 153 4.89 -5.31 5.43
N PHE B 154 4.32 -4.18 5.02
CA PHE B 154 4.89 -2.88 5.35
C PHE B 154 4.05 -2.18 6.41
#